data_5YWT
#
_entry.id   5YWT
#
_cell.length_a   66.170
_cell.length_b   80.350
_cell.length_c   85.220
_cell.angle_alpha   90.00
_cell.angle_beta   90.00
_cell.angle_gamma   90.00
#
_symmetry.space_group_name_H-M   'P 21 21 21'
#
loop_
_entity.id
_entity.type
_entity.pdbx_description
1 polymer 'Three-prime repair exonuclease 1'
2 polymer "DNA (5'-D(*GP*GP*CP*CP*CP*T)-3')"
3 non-polymer 'MAGNESIUM ION'
4 non-polymer 'COBALT (II) ION'
5 water water
#
loop_
_entity_poly.entity_id
_entity_poly.type
_entity_poly.pdbx_seq_one_letter_code
_entity_poly.pdbx_strand_id
1 'polypeptide(L)'
;MGSSHHHHHHSSGLVPRGSHMASMTGGQQMGRGSMGSQTLPHGHMQTLIFLDLEATGLPSSRPEVTELCLLAVHRRALEN
TSISQGHPPPVPRPPRVVDKLSLCIAPGKACSPGASEITGLSKAELEVQGRQRFDDNLAILLRAFLQRQPQPCCLVAHNG
DRYDFPLLQTELARLSTPSPLDGTFCVDSIAALKALEQASSPSGNGSRKSYSLGSIYTRLYWQAPTDSHTAEGDVLTLLS
ICQWKPQALLQWVDEHARPFSTVKPMYGTPATTGTT
;
A,B
2 'polydeoxyribonucleotide' (DG)(DG)(DC)(DC)(DC)(DT)(DC)(DT)(DT)(DT)(DA)(DG)(DG)(DG)(DC)(DC)(DT)(DT)(DC) D,C
#
# COMPACT_ATOMS: atom_id res chain seq x y z
N THR A 39 -14.16 32.93 1.33
CA THR A 39 -14.55 31.61 1.82
C THR A 39 -14.04 30.53 0.89
N LEU A 40 -13.60 29.41 1.47
CA LEU A 40 -13.07 28.31 0.67
C LEU A 40 -14.13 27.77 -0.29
N PRO A 41 -13.73 27.48 -1.53
CA PRO A 41 -14.71 27.08 -2.56
C PRO A 41 -15.41 25.76 -2.26
N HIS A 42 -14.71 24.83 -1.60
CA HIS A 42 -15.24 23.49 -1.39
C HIS A 42 -15.04 23.00 0.04
N GLY A 43 -14.67 23.91 0.94
CA GLY A 43 -14.40 23.55 2.32
C GLY A 43 -13.00 22.98 2.46
N HIS A 44 -12.62 22.64 3.68
CA HIS A 44 -11.31 22.06 3.93
C HIS A 44 -11.22 20.64 3.36
N MET A 45 -10.10 20.35 2.69
CA MET A 45 -9.79 19.00 2.28
C MET A 45 -9.26 18.23 3.48
N GLN A 46 -10.01 17.21 3.92
CA GLN A 46 -9.66 16.49 5.14
C GLN A 46 -8.61 15.40 4.89
N THR A 47 -8.62 14.85 3.68
CA THR A 47 -7.63 13.86 3.28
C THR A 47 -6.93 14.30 2.01
N LEU A 48 -5.60 14.24 2.04
CA LEU A 48 -4.81 14.39 0.82
C LEU A 48 -4.39 13.01 0.36
N ILE A 49 -4.68 12.70 -0.90
CA ILE A 49 -4.33 11.41 -1.47
C ILE A 49 -3.29 11.62 -2.56
N PHE A 50 -2.05 11.36 -2.21
CA PHE A 50 -0.95 11.50 -3.15
C PHE A 50 -1.00 10.33 -4.12
N LEU A 51 -1.03 10.66 -5.41
CA LEU A 51 -1.32 9.71 -6.46
C LEU A 51 -0.23 9.71 -7.52
N ASP A 52 0.15 8.52 -7.98
CA ASP A 52 0.99 8.39 -9.15
C ASP A 52 0.59 7.17 -9.96
N LEU A 53 0.66 7.32 -11.29
CA LEU A 53 0.43 6.23 -12.22
C LEU A 53 1.68 5.96 -13.03
N GLU A 54 1.92 4.69 -13.33
CA GLU A 54 2.81 4.33 -14.42
C GLU A 54 1.93 3.81 -15.54
N ALA A 55 2.40 3.94 -16.77
CA ALA A 55 1.57 3.58 -17.92
C ALA A 55 2.43 3.17 -19.11
N THR A 56 1.75 2.82 -20.20
CA THR A 56 2.41 2.27 -21.38
C THR A 56 3.13 3.33 -22.21
N GLY A 57 2.83 4.60 -21.94
CA GLY A 57 3.44 5.67 -22.72
C GLY A 57 2.91 7.05 -22.38
N LEU A 58 3.15 7.99 -23.29
CA LEU A 58 2.81 9.39 -23.12
C LEU A 58 1.50 9.70 -23.87
N PRO A 59 0.86 10.84 -23.55
CA PRO A 59 -0.51 11.15 -24.00
C PRO A 59 -0.84 10.85 -25.47
N SER A 60 0.03 11.21 -26.40
CA SER A 60 -0.26 11.01 -27.83
C SER A 60 -0.44 9.54 -28.20
N SER A 61 -0.03 8.63 -27.31
CA SER A 61 -0.02 7.21 -27.63
C SER A 61 -1.27 6.48 -27.11
N ARG A 62 -2.22 7.22 -26.56
CA ARG A 62 -3.40 6.63 -25.92
C ARG A 62 -2.97 5.59 -24.88
N PRO A 63 -2.18 6.05 -23.88
CA PRO A 63 -1.57 5.12 -22.92
C PRO A 63 -2.59 4.44 -22.00
N GLU A 64 -2.19 3.32 -21.42
CA GLU A 64 -3.01 2.63 -20.44
C GLU A 64 -2.20 2.36 -19.18
N VAL A 65 -2.87 2.41 -18.03
CA VAL A 65 -2.21 2.31 -16.73
C VAL A 65 -1.57 0.94 -16.52
N THR A 66 -0.36 0.93 -15.96
CA THR A 66 0.35 -0.29 -15.63
C THR A 66 0.58 -0.42 -14.12
N GLU A 67 0.54 0.71 -13.42
CA GLU A 67 0.74 0.72 -11.98
C GLU A 67 0.04 1.93 -11.38
N LEU A 68 -0.42 1.78 -10.15
CA LEU A 68 -1.18 2.81 -9.46
C LEU A 68 -0.83 2.79 -7.99
N CYS A 69 -0.50 3.94 -7.43
CA CYS A 69 -0.26 4.05 -6.00
C CYS A 69 -1.00 5.23 -5.39
N LEU A 70 -1.70 4.95 -4.29
CA LEU A 70 -2.36 5.97 -3.50
C LEU A 70 -1.75 6.01 -2.11
N LEU A 71 -1.47 7.21 -1.62
CA LEU A 71 -1.04 7.38 -0.24
C LEU A 71 -1.93 8.43 0.41
N ALA A 72 -2.83 7.99 1.29
CA ALA A 72 -3.81 8.86 1.89
C ALA A 72 -3.33 9.37 3.25
N VAL A 73 -3.41 10.68 3.40
CA VAL A 73 -2.90 11.37 4.58
C VAL A 73 -3.96 12.35 5.08
N HIS A 74 -4.30 12.28 6.36
CA HIS A 74 -5.18 13.27 6.96
C HIS A 74 -4.46 14.61 6.94
N ARG A 75 -5.21 15.69 6.81
CA ARG A 75 -4.59 17.02 6.73
C ARG A 75 -3.82 17.35 8.01
N ARG A 76 -4.21 16.71 9.10
CA ARG A 76 -3.57 16.92 10.40
C ARG A 76 -2.13 16.43 10.38
N ALA A 77 -1.87 15.37 9.62
CA ALA A 77 -0.53 14.82 9.50
C ALA A 77 0.39 15.83 8.81
N LEU A 78 -0.21 16.68 7.99
CA LEU A 78 0.53 17.77 7.34
C LEU A 78 0.64 18.96 8.28
N GLU A 79 -0.45 19.30 8.96
CA GLU A 79 -0.43 20.32 9.99
C GLU A 79 0.63 20.00 11.05
N ASN A 80 0.89 18.71 11.22
CA ASN A 80 1.83 18.25 12.24
C ASN A 80 3.27 18.12 11.75
N THR A 81 3.48 18.26 10.44
CA THR A 81 4.83 18.18 9.89
C THR A 81 5.65 19.39 10.36
N SER A 82 6.90 19.12 10.75
CA SER A 82 7.80 20.15 11.25
C SER A 82 8.12 21.18 10.18
N ILE A 83 8.51 22.38 10.60
CA ILE A 83 8.95 23.42 9.68
C ILE A 83 10.30 23.02 9.10
N SER A 84 10.45 23.13 7.79
CA SER A 84 11.72 22.82 7.14
C SER A 84 12.74 23.92 7.41
N GLN A 85 13.76 23.58 8.20
CA GLN A 85 14.82 24.52 8.53
C GLN A 85 16.17 23.96 8.07
N GLY A 86 17.15 24.84 7.92
CA GLY A 86 18.47 24.46 7.48
C GLY A 86 18.61 24.55 5.98
N HIS A 87 19.85 24.58 5.49
CA HIS A 87 20.14 24.67 4.07
C HIS A 87 21.21 23.67 3.67
N PRO A 88 20.80 22.50 3.14
CA PRO A 88 19.42 22.09 2.85
C PRO A 88 18.72 21.54 4.09
N PRO A 89 17.38 21.55 4.10
CA PRO A 89 16.66 20.86 5.16
C PRO A 89 16.69 19.35 4.95
N PRO A 90 16.51 18.56 6.01
CA PRO A 90 16.38 17.11 5.80
C PRO A 90 15.07 16.76 5.11
N VAL A 91 15.02 15.65 4.40
CA VAL A 91 13.77 15.19 3.82
C VAL A 91 12.79 14.95 4.97
N PRO A 92 11.59 15.57 4.91
CA PRO A 92 10.62 15.38 6.00
C PRO A 92 10.31 13.93 6.33
N ARG A 93 10.03 13.66 7.59
CA ARG A 93 9.62 12.34 8.03
C ARG A 93 8.17 12.09 7.59
N PRO A 94 7.92 10.98 6.88
CA PRO A 94 6.53 10.69 6.51
C PRO A 94 5.68 10.47 7.77
N PRO A 95 4.37 10.77 7.69
CA PRO A 95 3.54 10.55 8.89
C PRO A 95 3.42 9.08 9.25
N ARG A 96 3.28 8.78 10.53
CA ARG A 96 3.12 7.41 10.98
C ARG A 96 1.80 6.83 10.48
N VAL A 97 0.74 7.61 10.59
CA VAL A 97 -0.60 7.17 10.23
C VAL A 97 -0.87 7.49 8.76
N VAL A 98 -0.83 6.46 7.94
CA VAL A 98 -1.07 6.59 6.51
C VAL A 98 -1.77 5.35 5.99
N ASP A 99 -2.62 5.54 4.97
CA ASP A 99 -3.20 4.43 4.25
C ASP A 99 -2.53 4.37 2.87
N LYS A 100 -2.11 3.18 2.48
CA LYS A 100 -1.40 3.01 1.22
C LYS A 100 -2.01 1.90 0.38
N LEU A 101 -2.09 2.16 -0.92
CA LEU A 101 -2.52 1.17 -1.90
C LEU A 101 -1.58 1.25 -3.09
N SER A 102 -0.97 0.12 -3.43
CA SER A 102 -0.08 0.04 -4.58
C SER A 102 -0.43 -1.20 -5.38
N LEU A 103 -0.82 -1.01 -6.63
CA LEU A 103 -1.29 -2.11 -7.48
C LEU A 103 -0.60 -2.11 -8.83
N CYS A 104 -0.20 -3.29 -9.28
CA CYS A 104 0.28 -3.48 -10.63
C CYS A 104 -0.87 -3.97 -11.50
N ILE A 105 -1.01 -3.37 -12.67
CA ILE A 105 -2.19 -3.55 -13.53
C ILE A 105 -1.77 -3.95 -14.93
N ALA A 106 -2.35 -5.02 -15.45
CA ALA A 106 -2.08 -5.43 -16.82
C ALA A 106 -2.76 -4.48 -17.79
N PRO A 107 -1.99 -3.81 -18.66
CA PRO A 107 -2.64 -2.91 -19.63
C PRO A 107 -3.23 -3.69 -20.81
N GLY A 108 -4.04 -3.02 -21.61
CA GLY A 108 -4.64 -3.64 -22.78
C GLY A 108 -3.75 -3.58 -24.01
N LYS A 109 -2.64 -2.86 -23.89
CA LYS A 109 -1.67 -2.73 -24.98
C LYS A 109 -0.25 -2.79 -24.42
N ALA A 110 0.70 -3.12 -25.28
CA ALA A 110 2.10 -3.23 -24.85
C ALA A 110 2.65 -1.87 -24.44
N CYS A 111 3.58 -1.87 -23.50
CA CYS A 111 4.30 -0.66 -23.12
C CYS A 111 5.25 -0.28 -24.24
N SER A 112 5.43 1.02 -24.46
CA SER A 112 6.49 1.50 -25.34
C SER A 112 7.81 1.07 -24.73
N PRO A 113 8.84 0.88 -25.57
CA PRO A 113 10.14 0.45 -25.03
C PRO A 113 10.69 1.43 -24.01
N GLY A 114 10.47 2.72 -24.25
CA GLY A 114 10.91 3.76 -23.32
C GLY A 114 10.22 3.63 -21.98
N ALA A 115 8.91 3.40 -22.01
CA ALA A 115 8.12 3.24 -20.79
C ALA A 115 8.61 2.05 -19.97
N SER A 116 8.88 0.94 -20.64
CA SER A 116 9.36 -0.25 -19.95
C SER A 116 10.73 -0.05 -19.33
N GLU A 117 11.59 0.69 -20.04
CA GLU A 117 12.94 0.93 -19.57
C GLU A 117 12.95 1.70 -18.24
N ILE A 118 12.11 2.73 -18.16
CA ILE A 118 12.12 3.60 -17.00
C ILE A 118 11.28 3.05 -15.84
N THR A 119 10.19 2.34 -16.16
CA THR A 119 9.30 1.82 -15.12
C THR A 119 9.70 0.41 -14.66
N GLY A 120 10.38 -0.33 -15.52
CA GLY A 120 10.74 -1.70 -15.21
C GLY A 120 9.56 -2.64 -15.35
N LEU A 121 8.50 -2.17 -16.03
CA LEU A 121 7.30 -2.96 -16.25
C LEU A 121 7.08 -3.24 -17.73
N SER A 122 6.44 -4.37 -18.01
CA SER A 122 6.00 -4.70 -19.35
C SER A 122 4.66 -5.41 -19.25
N LYS A 123 3.83 -5.28 -20.28
CA LYS A 123 2.52 -5.91 -20.30
C LYS A 123 2.66 -7.42 -20.12
N ALA A 124 3.56 -8.02 -20.88
CA ALA A 124 3.76 -9.48 -20.85
C ALA A 124 4.15 -9.96 -19.46
N GLU A 125 5.09 -9.27 -18.81
CA GLU A 125 5.56 -9.72 -17.50
C GLU A 125 4.52 -9.48 -16.41
N LEU A 126 3.74 -8.41 -16.54
CA LEU A 126 2.62 -8.18 -15.64
C LEU A 126 1.65 -9.35 -15.73
N GLU A 127 1.49 -9.88 -16.95
CA GLU A 127 0.60 -11.01 -17.17
C GLU A 127 1.22 -12.32 -16.71
N VAL A 128 2.54 -12.44 -16.82
CA VAL A 128 3.24 -13.60 -16.27
C VAL A 128 3.05 -13.61 -14.76
N GLN A 129 2.96 -12.41 -14.16
CA GLN A 129 2.74 -12.28 -12.72
C GLN A 129 1.25 -12.31 -12.37
N GLY A 130 0.41 -12.58 -13.37
CA GLY A 130 -1.01 -12.77 -13.14
C GLY A 130 -1.78 -11.51 -12.78
N ARG A 131 -1.24 -10.35 -13.14
CA ARG A 131 -1.93 -9.10 -12.87
C ARG A 131 -3.20 -8.98 -13.70
N GLN A 132 -4.25 -8.42 -13.10
CA GLN A 132 -5.52 -8.23 -13.79
C GLN A 132 -5.58 -6.86 -14.47
N ARG A 133 -6.52 -6.73 -15.40
CA ARG A 133 -6.73 -5.49 -16.13
C ARG A 133 -7.33 -4.41 -15.25
N PHE A 134 -7.31 -3.18 -15.75
CA PHE A 134 -8.07 -2.09 -15.16
C PHE A 134 -9.55 -2.40 -15.32
N ASP A 135 -10.17 -2.93 -14.26
CA ASP A 135 -11.49 -3.54 -14.37
C ASP A 135 -12.46 -3.08 -13.29
N ASP A 136 -13.65 -3.68 -13.28
CA ASP A 136 -14.69 -3.34 -12.32
C ASP A 136 -14.23 -3.57 -10.89
N ASN A 137 -13.49 -4.66 -10.68
CA ASN A 137 -12.92 -4.96 -9.37
C ASN A 137 -12.08 -3.80 -8.85
N LEU A 138 -11.26 -3.22 -9.73
CA LEU A 138 -10.39 -2.12 -9.34
C LEU A 138 -11.21 -0.92 -8.90
N ALA A 139 -12.29 -0.65 -9.61
CA ALA A 139 -13.17 0.48 -9.26
C ALA A 139 -13.78 0.28 -7.88
N ILE A 140 -14.23 -0.93 -7.60
CA ILE A 140 -14.80 -1.28 -6.30
C ILE A 140 -13.74 -1.13 -5.21
N LEU A 141 -12.53 -1.60 -5.52
CA LEU A 141 -11.42 -1.50 -4.59
C LEU A 141 -11.10 -0.04 -4.27
N LEU A 142 -10.98 0.78 -5.31
CA LEU A 142 -10.68 2.20 -5.13
C LEU A 142 -11.79 2.90 -4.34
N ARG A 143 -13.04 2.58 -4.61
CA ARG A 143 -14.17 3.16 -3.88
C ARG A 143 -14.05 2.89 -2.39
N ALA A 144 -13.82 1.62 -2.05
CA ALA A 144 -13.73 1.21 -0.64
C ALA A 144 -12.56 1.87 0.07
N PHE A 145 -11.42 1.96 -0.63
CA PHE A 145 -10.23 2.61 -0.10
C PHE A 145 -10.52 4.07 0.23
N LEU A 146 -11.11 4.77 -0.73
CA LEU A 146 -11.46 6.18 -0.56
C LEU A 146 -12.52 6.37 0.52
N GLN A 147 -13.45 5.42 0.60
CA GLN A 147 -14.60 5.57 1.48
C GLN A 147 -14.22 5.58 2.96
N ARG A 148 -13.12 4.92 3.34
CA ARG A 148 -12.72 4.97 4.76
C ARG A 148 -11.66 6.04 5.01
N GLN A 149 -11.46 6.91 4.04
CA GLN A 149 -10.74 8.16 4.27
C GLN A 149 -11.74 9.23 4.72
N PRO A 150 -11.33 10.11 5.65
CA PRO A 150 -12.20 11.24 6.00
C PRO A 150 -12.45 12.15 4.79
N GLN A 151 -13.69 12.57 4.61
CA GLN A 151 -14.08 13.33 3.43
C GLN A 151 -14.07 14.83 3.71
N PRO A 152 -13.88 15.65 2.67
CA PRO A 152 -13.59 15.25 1.28
C PRO A 152 -12.12 14.89 1.06
N CYS A 153 -11.87 14.09 0.02
CA CYS A 153 -10.52 13.73 -0.37
C CYS A 153 -10.07 14.56 -1.55
N CYS A 154 -8.79 14.94 -1.56
CA CYS A 154 -8.21 15.65 -2.69
C CYS A 154 -6.99 14.88 -3.22
N LEU A 155 -7.10 14.42 -4.46
CA LEU A 155 -5.98 13.76 -5.13
C LEU A 155 -4.88 14.79 -5.40
N VAL A 156 -3.63 14.39 -5.19
CA VAL A 156 -2.49 15.23 -5.51
C VAL A 156 -1.54 14.44 -6.40
N ALA A 157 -1.28 14.96 -7.60
CA ALA A 157 -0.41 14.29 -8.55
C ALA A 157 0.44 15.28 -9.32
N HIS A 158 1.67 14.88 -9.63
CA HIS A 158 2.61 15.76 -10.31
C HIS A 158 2.33 15.77 -11.80
N ASN A 159 1.98 16.94 -12.31
CA ASN A 159 1.48 17.10 -13.67
C ASN A 159 0.16 16.35 -13.84
N GLY A 160 -0.57 16.22 -12.73
CA GLY A 160 -1.83 15.51 -12.72
C GLY A 160 -2.86 16.08 -13.69
N ASP A 161 -2.87 17.40 -13.83
CA ASP A 161 -3.86 18.07 -14.68
C ASP A 161 -3.68 17.71 -16.15
N ARG A 162 -2.47 17.36 -16.54
CA ARG A 162 -2.16 17.07 -17.93
C ARG A 162 -1.82 15.60 -18.17
N TYR A 163 -1.83 14.79 -17.11
CA TYR A 163 -1.54 13.36 -17.28
C TYR A 163 -2.41 12.44 -16.40
N ASP A 164 -2.08 12.34 -15.12
CA ASP A 164 -2.70 11.35 -14.25
C ASP A 164 -4.23 11.46 -14.19
N PHE A 165 -4.74 12.67 -14.03
CA PHE A 165 -6.18 12.83 -13.86
C PHE A 165 -6.93 12.55 -15.17
N PRO A 166 -6.48 13.12 -16.30
CA PRO A 166 -7.15 12.75 -17.56
C PRO A 166 -7.05 11.25 -17.90
N LEU A 167 -5.92 10.63 -17.56
CA LEU A 167 -5.74 9.21 -17.86
C LEU A 167 -6.65 8.36 -17.00
N LEU A 168 -6.73 8.69 -15.72
CA LEU A 168 -7.57 7.96 -14.78
C LEU A 168 -9.04 8.11 -15.17
N GLN A 169 -9.42 9.30 -15.61
CA GLN A 169 -10.78 9.56 -16.08
C GLN A 169 -11.10 8.66 -17.27
N THR A 170 -10.15 8.54 -18.19
CA THR A 170 -10.33 7.72 -19.38
C THR A 170 -10.49 6.24 -19.02
N GLU A 171 -9.65 5.75 -18.12
CA GLU A 171 -9.69 4.34 -17.73
C GLU A 171 -11.00 4.00 -17.03
N LEU A 172 -11.47 4.91 -16.18
CA LEU A 172 -12.71 4.72 -15.46
C LEU A 172 -13.91 4.85 -16.41
N ALA A 173 -13.78 5.70 -17.42
CA ALA A 173 -14.84 5.90 -18.40
C ALA A 173 -15.07 4.62 -19.21
N ARG A 174 -14.03 3.81 -19.36
CA ARG A 174 -14.14 2.54 -20.08
C ARG A 174 -15.08 1.58 -19.35
N LEU A 175 -15.09 1.66 -18.04
CA LEU A 175 -15.84 0.73 -17.22
C LEU A 175 -17.33 1.08 -17.19
N SER A 176 -18.17 0.06 -17.07
CA SER A 176 -19.60 0.25 -16.93
C SER A 176 -19.91 0.63 -15.49
N THR A 177 -19.03 0.21 -14.58
CA THR A 177 -19.12 0.57 -13.17
C THR A 177 -19.13 2.08 -13.00
N PRO A 178 -19.94 2.59 -12.05
CA PRO A 178 -19.87 4.04 -11.79
C PRO A 178 -18.48 4.45 -11.30
N SER A 179 -18.12 5.71 -11.51
CA SER A 179 -16.80 6.17 -11.12
C SER A 179 -16.64 6.21 -9.61
N PRO A 180 -15.56 5.63 -9.09
CA PRO A 180 -15.31 5.69 -7.64
C PRO A 180 -14.78 7.05 -7.20
N LEU A 181 -14.57 7.96 -8.15
CA LEU A 181 -13.96 9.25 -7.87
C LEU A 181 -14.95 10.41 -7.86
N ASP A 182 -16.23 10.11 -8.12
CA ASP A 182 -17.26 11.12 -7.97
C ASP A 182 -17.29 11.60 -6.52
N GLY A 183 -17.21 12.92 -6.36
CA GLY A 183 -17.20 13.51 -5.03
C GLY A 183 -15.79 13.81 -4.51
N THR A 184 -14.78 13.35 -5.25
CA THR A 184 -13.39 13.63 -4.88
C THR A 184 -12.90 14.86 -5.63
N PHE A 185 -11.87 15.51 -5.09
CA PHE A 185 -11.27 16.68 -5.70
C PHE A 185 -9.85 16.34 -6.12
N CYS A 186 -9.20 17.26 -6.84
CA CYS A 186 -7.84 17.03 -7.30
C CYS A 186 -7.07 18.33 -7.51
N VAL A 187 -5.76 18.25 -7.36
CA VAL A 187 -4.86 19.38 -7.63
C VAL A 187 -3.55 18.88 -8.24
N ASP A 188 -2.88 19.78 -8.97
CA ASP A 188 -1.60 19.47 -9.59
C ASP A 188 -0.47 20.07 -8.76
N SER A 189 0.46 19.23 -8.34
CA SER A 189 1.52 19.67 -7.43
C SER A 189 2.58 20.53 -8.13
N ILE A 190 2.61 20.51 -9.46
CA ILE A 190 3.48 21.43 -10.18
C ILE A 190 2.99 22.85 -9.91
N ALA A 191 1.70 23.07 -10.04
CA ALA A 191 1.10 24.37 -9.76
C ALA A 191 1.37 24.76 -8.31
N ALA A 192 1.24 23.79 -7.41
CA ALA A 192 1.43 24.02 -5.98
C ALA A 192 2.85 24.48 -5.67
N LEU A 193 3.84 23.72 -6.14
CA LEU A 193 5.23 24.03 -5.82
C LEU A 193 5.70 25.34 -6.45
N LYS A 194 5.12 25.71 -7.57
CA LYS A 194 5.44 26.99 -8.19
C LYS A 194 4.95 28.14 -7.32
N ALA A 195 3.75 27.98 -6.78
CA ALA A 195 3.22 28.95 -5.84
C ALA A 195 4.09 29.03 -4.60
N LEU A 196 4.42 27.87 -4.05
CA LEU A 196 5.17 27.80 -2.79
C LEU A 196 6.62 28.28 -2.95
N GLU A 197 7.25 27.93 -4.06
CA GLU A 197 8.60 28.42 -4.33
C GLU A 197 8.55 29.89 -4.72
N GLN A 198 7.36 30.37 -5.06
CA GLN A 198 7.12 31.78 -5.37
C GLN A 198 7.89 32.21 -6.62
N LYS A 209 14.33 27.26 -13.61
CA LYS A 209 14.11 26.09 -12.76
C LYS A 209 13.19 25.08 -13.43
N SER A 210 13.59 23.82 -13.42
CA SER A 210 12.75 22.73 -13.89
C SER A 210 11.79 22.34 -12.77
N TYR A 211 10.59 21.90 -13.14
CA TYR A 211 9.59 21.50 -12.17
C TYR A 211 9.17 20.05 -12.36
N SER A 212 10.07 19.27 -12.97
CA SER A 212 9.95 17.83 -12.95
C SER A 212 10.04 17.39 -11.49
N LEU A 213 9.46 16.24 -11.18
CA LEU A 213 9.42 15.75 -9.79
C LEU A 213 10.82 15.68 -9.20
N GLY A 214 11.74 15.06 -9.94
CA GLY A 214 13.10 14.88 -9.47
C GLY A 214 13.86 16.18 -9.31
N SER A 215 13.65 17.12 -10.24
CA SER A 215 14.32 18.41 -10.19
C SER A 215 13.94 19.18 -8.93
N ILE A 216 12.65 19.19 -8.61
CA ILE A 216 12.17 19.87 -7.42
C ILE A 216 12.77 19.23 -6.17
N TYR A 217 12.66 17.91 -6.08
CA TYR A 217 13.16 17.15 -4.94
C TYR A 217 14.64 17.45 -4.69
N THR A 218 15.42 17.46 -5.76
CA THR A 218 16.85 17.72 -5.67
C THR A 218 17.12 19.17 -5.28
N ARG A 219 16.29 20.09 -5.79
CA ARG A 219 16.47 21.51 -5.50
C ARG A 219 16.17 21.82 -4.03
N LEU A 220 15.17 21.14 -3.47
CA LEU A 220 14.78 21.37 -2.09
C LEU A 220 15.70 20.69 -1.09
N TYR A 221 16.11 19.46 -1.40
CA TYR A 221 16.76 18.60 -0.41
C TYR A 221 18.20 18.22 -0.77
N TRP A 222 18.65 18.59 -1.96
CA TRP A 222 20.02 18.31 -2.40
C TRP A 222 20.31 16.81 -2.47
N GLN A 223 19.25 16.01 -2.58
CA GLN A 223 19.38 14.56 -2.68
C GLN A 223 18.69 14.06 -3.95
N ALA A 224 19.17 12.95 -4.49
CA ALA A 224 18.51 12.31 -5.62
C ALA A 224 17.31 11.52 -5.11
N PRO A 225 16.17 11.59 -5.83
CA PRO A 225 15.07 10.74 -5.40
C PRO A 225 15.38 9.27 -5.65
N THR A 226 14.70 8.39 -4.92
CA THR A 226 14.90 6.95 -5.05
C THR A 226 13.68 6.29 -5.71
N ASP A 227 13.92 5.23 -6.46
CA ASP A 227 12.86 4.47 -7.10
C ASP A 227 12.01 5.36 -8.01
N SER A 228 12.65 6.15 -8.84
CA SER A 228 11.95 7.01 -9.78
C SER A 228 11.19 6.17 -10.80
N HIS A 229 10.02 6.64 -11.19
CA HIS A 229 9.19 5.98 -12.20
C HIS A 229 8.69 4.62 -11.75
N THR A 230 8.62 4.43 -10.43
CA THR A 230 7.77 3.41 -9.84
C THR A 230 6.65 4.18 -9.14
N ALA A 231 5.46 3.60 -9.10
CA ALA A 231 4.31 4.32 -8.57
C ALA A 231 4.51 4.70 -7.10
N GLU A 232 4.95 3.75 -6.29
CA GLU A 232 5.13 4.01 -4.87
C GLU A 232 6.31 4.95 -4.63
N GLY A 233 7.37 4.77 -5.38
CA GLY A 233 8.55 5.61 -5.26
C GLY A 233 8.24 7.06 -5.53
N ASP A 234 7.55 7.32 -6.65
CA ASP A 234 7.20 8.68 -7.03
C ASP A 234 6.17 9.29 -6.08
N VAL A 235 5.31 8.46 -5.50
CA VAL A 235 4.34 8.96 -4.51
C VAL A 235 5.07 9.41 -3.25
N LEU A 236 6.06 8.65 -2.81
CA LEU A 236 6.80 9.00 -1.61
C LEU A 236 7.65 10.24 -1.85
N THR A 237 8.20 10.35 -3.05
CA THR A 237 8.95 11.53 -3.45
C THR A 237 8.03 12.75 -3.45
N LEU A 238 6.82 12.57 -3.97
CA LEU A 238 5.84 13.65 -4.03
C LEU A 238 5.42 14.09 -2.64
N LEU A 239 5.19 13.11 -1.76
CA LEU A 239 4.87 13.40 -0.36
C LEU A 239 5.93 14.31 0.27
N SER A 240 7.19 13.97 0.05
CA SER A 240 8.29 14.71 0.63
C SER A 240 8.32 16.16 0.15
N ILE A 241 8.09 16.37 -1.14
CA ILE A 241 8.09 17.72 -1.70
C ILE A 241 6.94 18.53 -1.11
N CYS A 242 5.80 17.88 -0.91
CA CYS A 242 4.61 18.55 -0.40
C CYS A 242 4.71 18.83 1.10
N GLN A 243 5.62 18.12 1.78
CA GLN A 243 5.85 18.34 3.20
C GLN A 243 6.87 19.45 3.47
N TRP A 244 7.44 20.01 2.40
CA TRP A 244 8.45 21.06 2.53
C TRP A 244 7.89 22.29 3.24
N LYS A 245 6.77 22.80 2.73
CA LYS A 245 6.02 23.86 3.38
C LYS A 245 4.59 23.39 3.57
N PRO A 246 4.35 22.57 4.62
CA PRO A 246 3.10 21.83 4.75
C PRO A 246 1.86 22.70 5.02
N GLN A 247 2.01 23.75 5.81
CA GLN A 247 0.88 24.63 6.11
C GLN A 247 0.47 25.39 4.85
N ALA A 248 1.46 25.90 4.12
CA ALA A 248 1.21 26.65 2.91
C ALA A 248 0.62 25.75 1.82
N LEU A 249 1.07 24.51 1.78
CA LEU A 249 0.52 23.55 0.82
C LEU A 249 -0.97 23.35 1.05
N LEU A 250 -1.32 23.05 2.30
CA LEU A 250 -2.71 22.79 2.66
C LEU A 250 -3.62 23.95 2.26
N GLN A 251 -3.17 25.17 2.54
CA GLN A 251 -3.95 26.35 2.20
C GLN A 251 -4.11 26.49 0.69
N TRP A 252 -3.02 26.24 -0.04
CA TRP A 252 -3.07 26.31 -1.50
C TRP A 252 -3.99 25.24 -2.07
N VAL A 253 -3.90 24.04 -1.51
CA VAL A 253 -4.74 22.92 -1.92
C VAL A 253 -6.21 23.24 -1.69
N ASP A 254 -6.53 23.76 -0.50
CA ASP A 254 -7.90 24.12 -0.17
C ASP A 254 -8.45 25.15 -1.15
N GLU A 255 -7.60 26.09 -1.56
CA GLU A 255 -8.02 27.18 -2.43
C GLU A 255 -8.17 26.76 -3.88
N HIS A 256 -7.45 25.71 -4.29
CA HIS A 256 -7.37 25.33 -5.70
C HIS A 256 -7.95 23.95 -6.02
N ALA A 257 -8.41 23.24 -4.99
CA ALA A 257 -9.07 21.96 -5.20
C ALA A 257 -10.22 22.10 -6.19
N ARG A 258 -10.29 21.21 -7.16
CA ARG A 258 -11.40 21.20 -8.12
C ARG A 258 -12.00 19.80 -8.20
N PRO A 259 -13.32 19.71 -8.46
CA PRO A 259 -13.97 18.41 -8.54
C PRO A 259 -13.37 17.55 -9.64
N PHE A 260 -13.12 16.28 -9.34
CA PHE A 260 -12.53 15.37 -10.33
C PHE A 260 -13.46 15.16 -11.51
N SER A 261 -14.76 15.33 -11.28
CA SER A 261 -15.75 15.14 -12.32
C SER A 261 -15.61 16.19 -13.43
N THR A 262 -14.87 17.25 -13.16
CA THR A 262 -14.64 18.30 -14.16
C THR A 262 -13.40 18.01 -15.02
N VAL A 263 -12.69 16.93 -14.70
CA VAL A 263 -11.50 16.55 -15.45
C VAL A 263 -11.90 15.93 -16.78
N LYS A 264 -11.36 16.46 -17.87
CA LYS A 264 -11.63 15.93 -19.20
C LYS A 264 -10.79 14.68 -19.44
N PRO A 265 -11.40 13.63 -20.05
CA PRO A 265 -10.62 12.42 -20.34
C PRO A 265 -9.46 12.70 -21.28
N MET A 266 -8.35 11.98 -21.11
CA MET A 266 -7.18 12.16 -21.96
C MET A 266 -7.52 11.86 -23.42
N TYR A 267 -8.21 10.73 -23.63
CA TYR A 267 -8.66 10.36 -24.96
C TYR A 267 -9.99 9.59 -24.90
N GLY A 268 -10.67 9.51 -26.04
CA GLY A 268 -11.98 8.88 -26.11
C GLY A 268 -11.89 7.39 -26.40
N THR A 269 -12.98 6.67 -26.14
CA THR A 269 -13.02 5.22 -26.31
C THR A 269 -14.35 4.72 -26.82
N PRO A 270 -14.34 3.71 -27.72
CA PRO A 270 -15.58 3.01 -28.05
C PRO A 270 -16.15 2.26 -26.85
N HIS B 42 -7.47 -25.94 -4.17
CA HIS B 42 -6.28 -26.29 -3.39
C HIS B 42 -5.03 -25.98 -4.21
N GLY B 43 -3.87 -26.41 -3.72
CA GLY B 43 -2.60 -26.12 -4.38
C GLY B 43 -2.55 -26.58 -5.83
N HIS B 44 -1.61 -26.06 -6.61
CA HIS B 44 -0.57 -25.14 -6.13
C HIS B 44 -1.09 -23.73 -5.84
N MET B 45 -0.56 -23.12 -4.79
CA MET B 45 -0.88 -21.73 -4.47
C MET B 45 -0.26 -20.81 -5.51
N GLN B 46 -1.07 -19.94 -6.11
CA GLN B 46 -0.60 -19.05 -7.16
C GLN B 46 -0.03 -17.74 -6.58
N THR B 47 -0.65 -17.26 -5.52
CA THR B 47 -0.23 -16.02 -4.89
C THR B 47 0.01 -16.22 -3.40
N LEU B 48 1.13 -15.69 -2.92
CA LEU B 48 1.39 -15.58 -1.49
C LEU B 48 1.06 -14.15 -1.06
N ILE B 49 0.28 -14.04 0.01
CA ILE B 49 -0.09 -12.74 0.55
C ILE B 49 0.47 -12.60 1.95
N PHE B 50 1.57 -11.88 2.07
CA PHE B 50 2.21 -11.68 3.34
C PHE B 50 1.38 -10.71 4.17
N LEU B 51 1.10 -11.12 5.41
CA LEU B 51 0.15 -10.43 6.26
C LEU B 51 0.78 -10.09 7.60
N ASP B 52 0.54 -8.88 8.07
CA ASP B 52 0.87 -8.53 9.43
C ASP B 52 -0.16 -7.58 10.01
N LEU B 53 -0.52 -7.80 11.27
CA LEU B 53 -1.42 -6.94 12.00
C LEU B 53 -0.67 -6.27 13.16
N GLU B 54 -1.02 -5.01 13.42
CA GLU B 54 -0.69 -4.40 14.69
C GLU B 54 -2.01 -4.25 15.45
N ALA B 55 -1.94 -4.21 16.78
CA ALA B 55 -3.15 -4.19 17.57
C ALA B 55 -2.91 -3.55 18.94
N THR B 56 -3.94 -3.59 19.78
CA THR B 56 -3.92 -2.93 21.07
C THR B 56 -3.15 -3.72 22.13
N GLY B 57 -2.92 -5.00 21.88
CA GLY B 57 -2.22 -5.83 22.85
C GLY B 57 -2.16 -7.30 22.48
N LEU B 58 -1.92 -8.12 23.49
CA LEU B 58 -1.77 -9.56 23.30
C LEU B 58 -3.10 -10.27 23.59
N PRO B 59 -3.25 -11.51 23.13
CA PRO B 59 -4.57 -12.18 23.07
C PRO B 59 -5.38 -12.20 24.38
N SER B 60 -4.74 -12.36 25.54
CA SER B 60 -5.50 -12.40 26.79
C SER B 60 -6.21 -11.08 27.09
N SER B 61 -5.83 -10.03 26.36
CA SER B 61 -6.42 -8.71 26.58
C SER B 61 -7.63 -8.46 25.67
N ARG B 62 -8.00 -9.47 24.88
CA ARG B 62 -9.05 -9.33 23.88
C ARG B 62 -8.75 -8.13 22.98
N PRO B 63 -7.63 -8.18 22.25
CA PRO B 63 -7.13 -7.04 21.49
C PRO B 63 -7.94 -6.70 20.24
N GLU B 64 -7.73 -5.48 19.73
CA GLU B 64 -8.36 -5.04 18.49
C GLU B 64 -7.30 -4.49 17.54
N VAL B 65 -7.51 -4.72 16.25
CA VAL B 65 -6.55 -4.35 15.22
C VAL B 65 -6.42 -2.84 15.08
N THR B 66 -5.18 -2.38 14.93
CA THR B 66 -4.89 -0.95 14.77
C THR B 66 -4.23 -0.67 13.43
N GLU B 67 -3.65 -1.70 12.84
CA GLU B 67 -2.99 -1.57 11.54
C GLU B 67 -2.97 -2.91 10.83
N LEU B 68 -3.07 -2.88 9.51
CA LEU B 68 -3.13 -4.09 8.69
C LEU B 68 -2.34 -3.84 7.41
N CYS B 69 -1.49 -4.78 7.04
CA CYS B 69 -0.79 -4.72 5.77
C CYS B 69 -0.82 -6.04 5.03
N LEU B 70 -1.15 -5.97 3.74
CA LEU B 70 -1.07 -7.12 2.84
C LEU B 70 -0.07 -6.81 1.74
N LEU B 71 0.77 -7.79 1.42
CA LEU B 71 1.67 -7.69 0.27
C LEU B 71 1.54 -8.97 -0.54
N ALA B 72 0.96 -8.84 -1.73
CA ALA B 72 0.68 -9.98 -2.59
C ALA B 72 1.76 -10.16 -3.66
N VAL B 73 2.26 -11.39 -3.77
CA VAL B 73 3.31 -11.72 -4.72
C VAL B 73 2.98 -13.03 -5.42
N HIS B 74 3.11 -13.06 -6.74
CA HIS B 74 2.94 -14.30 -7.50
C HIS B 74 4.10 -15.23 -7.17
N ARG B 75 3.84 -16.53 -7.15
CA ARG B 75 4.87 -17.50 -6.77
C ARG B 75 6.08 -17.40 -7.70
N ARG B 76 5.84 -16.96 -8.93
CA ARG B 76 6.91 -16.80 -9.91
C ARG B 76 7.88 -15.69 -9.52
N ALA B 77 7.35 -14.60 -8.98
CA ALA B 77 8.19 -13.49 -8.55
C ALA B 77 9.09 -13.92 -7.40
N LEU B 78 8.55 -14.77 -6.53
CA LEU B 78 9.31 -15.24 -5.37
C LEU B 78 10.45 -16.14 -5.80
N GLU B 79 10.14 -17.14 -6.62
CA GLU B 79 11.16 -18.08 -7.09
C GLU B 79 12.15 -17.39 -8.04
N ASN B 80 11.72 -16.30 -8.66
CA ASN B 80 12.60 -15.53 -9.54
C ASN B 80 13.68 -14.80 -8.75
N THR B 81 13.47 -14.64 -7.44
CA THR B 81 14.46 -13.97 -6.60
C THR B 81 15.78 -14.72 -6.64
N SER B 82 16.86 -13.97 -6.78
CA SER B 82 18.20 -14.54 -6.80
C SER B 82 19.04 -13.94 -5.68
N ILE B 83 19.11 -14.64 -4.56
CA ILE B 83 19.97 -14.23 -3.46
C ILE B 83 21.40 -14.09 -3.95
N SER B 84 21.88 -12.85 -3.99
CA SER B 84 23.22 -12.58 -4.50
C SER B 84 24.30 -13.16 -3.59
N GLN B 85 25.50 -13.28 -4.15
CA GLN B 85 26.65 -13.75 -3.39
C GLN B 85 26.96 -12.79 -2.25
N GLY B 86 27.29 -13.32 -1.08
CA GLY B 86 27.65 -12.49 0.04
C GLY B 86 27.80 -13.22 1.36
N HIS B 87 28.58 -12.62 2.25
CA HIS B 87 28.77 -13.14 3.61
C HIS B 87 28.88 -11.97 4.58
N PRO B 88 27.75 -11.56 5.18
CA PRO B 88 26.42 -12.17 5.02
C PRO B 88 25.82 -11.89 3.64
N PRO B 89 24.86 -12.73 3.21
CA PRO B 89 24.16 -12.45 1.95
C PRO B 89 23.39 -11.12 2.01
N PRO B 90 23.44 -10.32 0.95
CA PRO B 90 22.69 -9.05 0.99
C PRO B 90 21.19 -9.31 1.08
N VAL B 91 20.46 -8.39 1.70
CA VAL B 91 19.01 -8.48 1.75
C VAL B 91 18.46 -8.34 0.34
N PRO B 92 17.67 -9.32 -0.13
CA PRO B 92 17.16 -9.20 -1.49
C PRO B 92 16.13 -8.07 -1.64
N ARG B 93 16.08 -7.46 -2.81
CA ARG B 93 15.05 -6.48 -3.11
C ARG B 93 13.71 -7.17 -3.24
N PRO B 94 12.62 -6.52 -2.84
CA PRO B 94 11.31 -7.12 -3.13
C PRO B 94 11.12 -7.24 -4.63
N PRO B 95 10.27 -8.18 -5.09
CA PRO B 95 10.04 -8.25 -6.53
C PRO B 95 9.45 -6.95 -7.07
N ARG B 96 9.65 -6.69 -8.36
CA ARG B 96 9.15 -5.46 -8.97
C ARG B 96 7.63 -5.45 -8.98
N VAL B 97 7.03 -6.59 -9.27
CA VAL B 97 5.58 -6.70 -9.39
C VAL B 97 4.97 -7.23 -8.10
N VAL B 98 4.39 -6.32 -7.34
CA VAL B 98 3.71 -6.66 -6.10
C VAL B 98 2.48 -5.78 -5.92
N ASP B 99 1.49 -6.29 -5.21
CA ASP B 99 0.34 -5.49 -4.79
C ASP B 99 0.45 -5.27 -3.29
N LYS B 100 0.24 -4.04 -2.85
CA LYS B 100 0.38 -3.70 -1.44
C LYS B 100 -0.82 -2.91 -0.92
N LEU B 101 -1.27 -3.28 0.27
CA LEU B 101 -2.33 -2.58 0.97
C LEU B 101 -1.89 -2.38 2.41
N SER B 102 -1.88 -1.13 2.87
CA SER B 102 -1.57 -0.83 4.26
C SER B 102 -2.61 0.15 4.80
N LEU B 103 -3.24 -0.22 5.91
CA LEU B 103 -4.33 0.56 6.48
C LEU B 103 -4.20 0.72 7.99
N CYS B 104 -4.42 1.93 8.49
CA CYS B 104 -4.53 2.15 9.92
C CYS B 104 -6.00 2.14 10.34
N ILE B 105 -6.26 1.58 11.51
CA ILE B 105 -7.62 1.28 11.95
C ILE B 105 -7.83 1.78 13.37
N ALA B 106 -8.90 2.53 13.59
CA ALA B 106 -9.24 2.99 14.93
C ALA B 106 -9.83 1.84 15.73
N PRO B 107 -9.21 1.50 16.87
CA PRO B 107 -9.79 0.44 17.72
C PRO B 107 -10.89 0.98 18.63
N GLY B 108 -11.68 0.09 19.22
CA GLY B 108 -12.73 0.49 20.14
C GLY B 108 -12.24 0.51 21.58
N LYS B 109 -10.94 0.32 21.77
CA LYS B 109 -10.34 0.34 23.10
C LYS B 109 -8.91 0.88 23.01
N ALA B 110 -8.39 1.38 24.13
CA ALA B 110 -7.05 1.92 24.17
C ALA B 110 -6.00 0.83 23.95
N CYS B 111 -4.87 1.21 23.37
CA CYS B 111 -3.73 0.31 23.28
C CYS B 111 -3.10 0.17 24.66
N SER B 112 -2.50 -0.98 24.91
CA SER B 112 -1.69 -1.14 26.11
C SER B 112 -0.48 -0.23 25.96
N PRO B 113 0.12 0.22 27.07
CA PRO B 113 1.30 1.08 26.97
C PRO B 113 2.41 0.43 26.14
N GLY B 114 2.61 -0.87 26.33
CA GLY B 114 3.62 -1.60 25.59
C GLY B 114 3.34 -1.61 24.09
N ALA B 115 2.09 -1.86 23.73
CA ALA B 115 1.68 -1.91 22.33
C ALA B 115 1.86 -0.55 21.66
N SER B 116 1.47 0.51 22.36
CA SER B 116 1.63 1.86 21.82
C SER B 116 3.09 2.19 21.63
N GLU B 117 3.93 1.78 22.58
CA GLU B 117 5.34 2.09 22.52
C GLU B 117 6.01 1.47 21.30
N ILE B 118 5.74 0.20 21.04
CA ILE B 118 6.42 -0.52 19.97
C ILE B 118 5.82 -0.23 18.58
N THR B 119 4.52 0.03 18.51
CA THR B 119 3.87 0.27 17.23
C THR B 119 3.89 1.74 16.82
N GLY B 120 3.99 2.63 17.79
CA GLY B 120 3.95 4.06 17.51
C GLY B 120 2.53 4.54 17.23
N LEU B 121 1.56 3.68 17.53
CA LEU B 121 0.15 4.00 17.35
C LEU B 121 -0.55 4.14 18.71
N SER B 122 -1.63 4.92 18.72
CA SER B 122 -2.50 4.99 19.89
C SER B 122 -3.92 5.26 19.41
N LYS B 123 -4.91 4.86 20.21
CA LYS B 123 -6.30 5.06 19.88
C LYS B 123 -6.59 6.54 19.62
N ALA B 124 -6.05 7.39 20.48
CA ALA B 124 -6.28 8.83 20.38
C ALA B 124 -5.75 9.41 19.09
N GLU B 125 -4.53 9.04 18.71
CA GLU B 125 -3.94 9.58 17.49
C GLU B 125 -4.64 9.05 16.25
N LEU B 126 -5.03 7.77 16.29
CA LEU B 126 -5.76 7.17 15.18
C LEU B 126 -7.08 7.91 14.96
N GLU B 127 -7.73 8.29 16.06
CA GLU B 127 -9.01 8.99 15.99
C GLU B 127 -8.87 10.40 15.43
N VAL B 128 -7.91 11.17 15.93
CA VAL B 128 -7.74 12.54 15.44
C VAL B 128 -7.25 12.56 13.99
N GLN B 129 -6.64 11.45 13.55
CA GLN B 129 -6.24 11.31 12.15
C GLN B 129 -7.38 10.73 11.31
N GLY B 130 -8.56 10.65 11.91
CA GLY B 130 -9.78 10.29 11.19
C GLY B 130 -9.87 8.85 10.73
N ARG B 131 -9.11 7.95 11.35
CA ARG B 131 -9.20 6.54 10.99
C ARG B 131 -10.56 5.97 11.41
N GLN B 132 -11.09 5.06 10.58
CA GLN B 132 -12.37 4.45 10.86
C GLN B 132 -12.21 3.11 11.55
N ARG B 133 -13.26 2.68 12.23
CA ARG B 133 -13.29 1.37 12.88
C ARG B 133 -13.16 0.25 11.85
N PHE B 134 -12.89 -0.95 12.34
CA PHE B 134 -12.97 -2.15 11.51
C PHE B 134 -14.43 -2.37 11.13
N ASP B 135 -14.76 -2.15 9.87
CA ASP B 135 -16.16 -2.12 9.43
C ASP B 135 -16.41 -2.89 8.13
N ASP B 136 -17.67 -2.90 7.71
CA ASP B 136 -18.09 -3.59 6.49
C ASP B 136 -17.31 -3.13 5.27
N ASN B 137 -17.07 -1.82 5.19
CA ASN B 137 -16.36 -1.26 4.05
C ASN B 137 -14.91 -1.77 3.98
N LEU B 138 -14.30 -1.98 5.14
CA LEU B 138 -12.95 -2.53 5.18
C LEU B 138 -12.97 -3.96 4.65
N ALA B 139 -14.01 -4.70 4.99
CA ALA B 139 -14.17 -6.08 4.50
C ALA B 139 -14.29 -6.08 2.97
N ILE B 140 -15.04 -5.13 2.43
CA ILE B 140 -15.20 -5.01 0.97
C ILE B 140 -13.85 -4.74 0.33
N LEU B 141 -13.06 -3.87 0.97
CA LEU B 141 -11.73 -3.53 0.47
C LEU B 141 -10.83 -4.75 0.44
N LEU B 142 -10.85 -5.53 1.52
CA LEU B 142 -10.04 -6.75 1.60
C LEU B 142 -10.44 -7.77 0.53
N ARG B 143 -11.74 -7.96 0.33
CA ARG B 143 -12.20 -8.94 -0.66
C ARG B 143 -11.78 -8.52 -2.07
N ALA B 144 -11.97 -7.25 -2.39
CA ALA B 144 -11.62 -6.75 -3.72
C ALA B 144 -10.13 -6.91 -3.96
N PHE B 145 -9.33 -6.60 -2.96
CA PHE B 145 -7.87 -6.74 -3.06
C PHE B 145 -7.49 -8.19 -3.31
N LEU B 146 -8.07 -9.10 -2.54
CA LEU B 146 -7.79 -10.52 -2.67
C LEU B 146 -8.28 -11.06 -4.02
N GLN B 147 -9.41 -10.54 -4.48
CA GLN B 147 -10.07 -11.09 -5.66
C GLN B 147 -9.33 -10.80 -6.96
N ARG B 148 -8.49 -9.77 -6.97
CA ARG B 148 -7.72 -9.47 -8.19
C ARG B 148 -6.33 -10.11 -8.14
N GLN B 149 -6.11 -10.97 -7.14
CA GLN B 149 -4.91 -11.80 -7.10
C GLN B 149 -5.19 -13.13 -7.79
N PRO B 150 -4.20 -13.68 -8.51
CA PRO B 150 -4.37 -15.02 -9.09
C PRO B 150 -4.68 -16.07 -8.03
N GLN B 151 -5.64 -16.94 -8.29
CA GLN B 151 -6.13 -17.88 -7.28
C GLN B 151 -5.54 -19.28 -7.48
N PRO B 152 -5.42 -20.05 -6.39
CA PRO B 152 -5.77 -19.67 -5.02
C PRO B 152 -4.71 -18.82 -4.33
N CYS B 153 -5.12 -18.07 -3.32
CA CYS B 153 -4.22 -17.24 -2.53
C CYS B 153 -3.92 -17.90 -1.19
N CYS B 154 -2.74 -17.63 -0.65
CA CYS B 154 -2.38 -18.10 0.68
C CYS B 154 -1.80 -16.99 1.52
N LEU B 155 -2.50 -16.63 2.60
CA LEU B 155 -1.98 -15.69 3.58
C LEU B 155 -0.77 -16.28 4.28
N VAL B 156 0.27 -15.46 4.47
CA VAL B 156 1.44 -15.87 5.22
C VAL B 156 1.71 -14.85 6.32
N ALA B 157 1.68 -15.31 7.56
CA ALA B 157 1.90 -14.43 8.70
C ALA B 157 2.75 -15.12 9.76
N HIS B 158 3.61 -14.34 10.41
CA HIS B 158 4.52 -14.88 11.41
C HIS B 158 3.80 -15.07 12.74
N ASN B 159 3.70 -16.33 13.16
CA ASN B 159 2.86 -16.73 14.28
C ASN B 159 1.39 -16.51 13.96
N GLY B 160 1.06 -16.61 12.68
CA GLY B 160 -0.29 -16.39 12.20
C GLY B 160 -1.33 -17.29 12.84
N ASP B 161 -1.00 -18.55 13.02
CA ASP B 161 -1.95 -19.52 13.56
C ASP B 161 -2.38 -19.19 14.99
N ARG B 162 -1.56 -18.43 15.69
CA ARG B 162 -1.82 -18.11 17.10
C ARG B 162 -2.24 -16.66 17.32
N TYR B 163 -1.92 -15.79 16.37
CA TYR B 163 -2.22 -14.36 16.54
C TYR B 163 -3.00 -13.73 15.37
N ASP B 164 -2.34 -13.51 14.24
CA ASP B 164 -2.92 -12.73 13.15
C ASP B 164 -4.22 -13.34 12.61
N PHE B 165 -4.23 -14.64 12.39
CA PHE B 165 -5.39 -15.28 11.75
C PHE B 165 -6.57 -15.36 12.72
N PRO B 166 -6.35 -15.82 13.97
CA PRO B 166 -7.48 -15.80 14.91
C PRO B 166 -8.00 -14.39 15.19
N LEU B 167 -7.10 -13.41 15.29
CA LEU B 167 -7.52 -12.04 15.56
C LEU B 167 -8.33 -11.49 14.39
N LEU B 168 -7.84 -11.73 13.17
CA LEU B 168 -8.53 -11.28 11.98
C LEU B 168 -9.91 -11.93 11.87
N GLN B 169 -10.00 -13.20 12.27
CA GLN B 169 -11.26 -13.92 12.23
C GLN B 169 -12.26 -13.28 13.18
N THR B 170 -11.78 -12.86 14.35
CA THR B 170 -12.62 -12.22 15.35
C THR B 170 -13.17 -10.89 14.84
N GLU B 171 -12.32 -10.10 14.19
CA GLU B 171 -12.73 -8.80 13.69
C GLU B 171 -13.76 -8.95 12.58
N LEU B 172 -13.56 -9.92 11.71
CA LEU B 172 -14.47 -10.15 10.59
C LEU B 172 -15.81 -10.71 11.07
N ALA B 173 -15.78 -11.48 12.14
CA ALA B 173 -16.99 -12.10 12.67
C ALA B 173 -17.98 -11.06 13.19
N ARG B 174 -17.48 -9.88 13.53
CA ARG B 174 -18.32 -8.80 14.05
C ARG B 174 -19.12 -8.11 12.94
N LEU B 175 -18.78 -8.43 11.69
CA LEU B 175 -19.34 -7.71 10.54
C LEU B 175 -20.53 -8.42 9.90
N SER B 176 -21.18 -7.74 8.97
CA SER B 176 -22.36 -8.27 8.28
C SER B 176 -21.98 -8.83 6.91
N THR B 177 -20.90 -8.32 6.33
CA THR B 177 -20.36 -8.88 5.09
C THR B 177 -20.09 -10.36 5.29
N PRO B 178 -20.31 -11.18 4.25
CA PRO B 178 -19.78 -12.53 4.40
C PRO B 178 -18.26 -12.44 4.41
N SER B 179 -17.58 -13.37 5.07
CA SER B 179 -16.13 -13.28 5.24
C SER B 179 -15.42 -13.01 3.90
N PRO B 180 -14.67 -11.90 3.82
CA PRO B 180 -13.98 -11.56 2.57
C PRO B 180 -12.83 -12.52 2.26
N LEU B 181 -12.47 -13.35 3.23
CA LEU B 181 -11.36 -14.28 3.09
C LEU B 181 -11.84 -15.69 2.74
N ASP B 182 -13.10 -15.81 2.36
CA ASP B 182 -13.63 -17.09 1.92
C ASP B 182 -12.94 -17.50 0.62
N GLY B 183 -12.42 -18.72 0.60
CA GLY B 183 -11.67 -19.21 -0.55
C GLY B 183 -10.18 -18.99 -0.41
N THR B 184 -9.79 -18.17 0.57
CA THR B 184 -8.39 -17.84 0.81
C THR B 184 -7.75 -18.84 1.77
N PHE B 185 -6.51 -19.22 1.49
CA PHE B 185 -5.77 -20.14 2.35
C PHE B 185 -4.82 -19.37 3.27
N CYS B 186 -4.18 -20.08 4.19
CA CYS B 186 -3.24 -19.44 5.10
C CYS B 186 -2.23 -20.42 5.66
N VAL B 187 -1.05 -19.91 5.99
CA VAL B 187 -0.01 -20.69 6.67
C VAL B 187 0.75 -19.81 7.65
N ASP B 188 1.35 -20.46 8.64
CA ASP B 188 2.18 -19.79 9.63
C ASP B 188 3.65 -19.94 9.25
N SER B 189 4.35 -18.82 9.08
CA SER B 189 5.73 -18.87 8.60
C SER B 189 6.71 -19.39 9.65
N ILE B 190 6.30 -19.41 10.92
CA ILE B 190 7.13 -20.03 11.95
C ILE B 190 7.19 -21.54 11.68
N ALA B 191 6.03 -22.14 11.41
CA ALA B 191 5.96 -23.55 11.06
C ALA B 191 6.79 -23.83 9.82
N ALA B 192 6.67 -22.94 8.83
CA ALA B 192 7.41 -23.08 7.58
C ALA B 192 8.92 -23.03 7.82
N LEU B 193 9.37 -21.97 8.49
CA LEU B 193 10.80 -21.76 8.69
C LEU B 193 11.43 -22.86 9.56
N LYS B 194 10.67 -23.36 10.53
CA LYS B 194 11.13 -24.47 11.36
C LYS B 194 11.37 -25.71 10.51
N ALA B 195 10.40 -26.04 9.66
CA ALA B 195 10.49 -27.23 8.83
C ALA B 195 11.60 -27.11 7.79
N LEU B 196 11.83 -25.89 7.33
CA LEU B 196 12.88 -25.63 6.34
C LEU B 196 14.27 -25.67 6.96
N GLU B 197 14.35 -26.06 8.24
CA GLU B 197 15.63 -26.25 8.91
C GLU B 197 15.66 -27.56 9.69
N GLN B 198 15.99 -28.67 9.03
CA GLN B 198 16.30 -28.71 7.59
C GLN B 198 15.96 -30.08 7.03
N ARG B 208 17.81 -23.57 17.63
CA ARG B 208 17.84 -22.12 17.61
C ARG B 208 17.24 -21.55 18.89
N LYS B 209 17.84 -20.47 19.38
CA LYS B 209 17.32 -19.78 20.56
C LYS B 209 15.92 -19.24 20.34
N SER B 210 15.66 -18.78 19.11
CA SER B 210 14.44 -18.02 18.82
C SER B 210 13.97 -18.18 17.38
N TYR B 211 12.66 -18.11 17.21
CA TYR B 211 12.04 -18.08 15.89
C TYR B 211 11.18 -16.83 15.75
N SER B 212 11.48 -15.82 16.57
CA SER B 212 10.89 -14.50 16.40
C SER B 212 11.29 -13.97 15.02
N LEU B 213 10.48 -13.05 14.49
CA LEU B 213 10.74 -12.50 13.16
C LEU B 213 12.14 -11.91 13.05
N GLY B 214 12.52 -11.13 14.05
CA GLY B 214 13.81 -10.46 14.04
C GLY B 214 14.98 -11.41 14.14
N SER B 215 14.83 -12.46 14.93
CA SER B 215 15.90 -13.43 15.13
C SER B 215 16.22 -14.17 13.84
N ILE B 216 15.17 -14.56 13.12
CA ILE B 216 15.33 -15.28 11.87
C ILE B 216 15.99 -14.40 10.82
N TYR B 217 15.49 -13.17 10.69
CA TYR B 217 16.04 -12.19 9.77
C TYR B 217 17.52 -11.97 10.03
N THR B 218 17.88 -11.80 11.30
CA THR B 218 19.27 -11.53 11.66
C THR B 218 20.14 -12.77 11.45
N ARG B 219 19.55 -13.94 11.70
CA ARG B 219 20.25 -15.20 11.51
C ARG B 219 20.64 -15.38 10.04
N LEU B 220 19.79 -14.86 9.16
CA LEU B 220 20.02 -14.97 7.72
C LEU B 220 20.94 -13.87 7.18
N TYR B 221 20.62 -12.62 7.50
CA TYR B 221 21.26 -11.47 6.87
C TYR B 221 22.20 -10.69 7.79
N TRP B 222 22.13 -10.97 9.08
CA TRP B 222 22.96 -10.32 10.08
C TRP B 222 22.91 -8.79 9.97
N GLN B 223 21.70 -8.31 9.70
CA GLN B 223 21.36 -6.91 9.82
C GLN B 223 20.09 -6.82 10.64
N ALA B 224 19.86 -5.67 11.28
CA ALA B 224 18.63 -5.47 12.02
C ALA B 224 17.47 -5.24 11.04
N PRO B 225 16.30 -5.83 11.33
CA PRO B 225 15.13 -5.43 10.54
C PRO B 225 14.84 -3.94 10.71
N THR B 226 14.20 -3.32 9.72
CA THR B 226 13.82 -1.93 9.80
C THR B 226 12.32 -1.80 10.04
N ASP B 227 11.93 -0.73 10.74
CA ASP B 227 10.53 -0.43 10.96
C ASP B 227 9.78 -1.58 11.63
N SER B 228 10.40 -2.15 12.67
CA SER B 228 9.78 -3.26 13.39
C SER B 228 8.48 -2.84 14.05
N HIS B 229 7.55 -3.78 14.14
CA HIS B 229 6.26 -3.57 14.78
C HIS B 229 5.45 -2.45 14.11
N THR B 230 5.73 -2.22 12.82
CA THR B 230 4.80 -1.52 11.94
C THR B 230 4.33 -2.57 10.95
N ALA B 231 3.08 -2.46 10.50
CA ALA B 231 2.48 -3.51 9.67
C ALA B 231 3.27 -3.72 8.38
N GLU B 232 3.56 -2.62 7.67
CA GLU B 232 4.29 -2.72 6.41
C GLU B 232 5.73 -3.14 6.64
N GLY B 233 6.34 -2.60 7.70
CA GLY B 233 7.71 -2.94 8.03
C GLY B 233 7.88 -4.43 8.27
N ASP B 234 6.97 -5.02 9.05
CA ASP B 234 7.06 -6.42 9.40
C ASP B 234 6.74 -7.33 8.21
N VAL B 235 5.87 -6.87 7.32
CA VAL B 235 5.54 -7.63 6.12
C VAL B 235 6.74 -7.70 5.19
N LEU B 236 7.44 -6.59 5.03
CA LEU B 236 8.61 -6.54 4.16
C LEU B 236 9.74 -7.39 4.74
N THR B 237 9.86 -7.39 6.06
CA THR B 237 10.84 -8.24 6.74
C THR B 237 10.53 -9.71 6.49
N LEU B 238 9.26 -10.07 6.63
CA LEU B 238 8.82 -11.45 6.41
C LEU B 238 9.08 -11.87 4.96
N LEU B 239 8.80 -10.97 4.02
CA LEU B 239 9.06 -11.22 2.61
C LEU B 239 10.53 -11.56 2.36
N SER B 240 11.42 -10.77 2.94
CA SER B 240 12.85 -10.97 2.77
C SER B 240 13.28 -12.35 3.27
N ILE B 241 12.73 -12.77 4.40
CA ILE B 241 13.01 -14.09 4.95
C ILE B 241 12.56 -15.18 3.98
N CYS B 242 11.38 -14.99 3.41
CA CYS B 242 10.76 -16.00 2.56
C CYS B 242 11.38 -16.04 1.16
N GLN B 243 12.21 -15.06 0.85
CA GLN B 243 12.92 -15.02 -0.43
C GLN B 243 14.23 -15.78 -0.35
N TRP B 244 14.56 -16.30 0.82
CA TRP B 244 15.82 -17.01 1.06
C TRP B 244 15.86 -18.32 0.28
N LYS B 245 14.87 -19.19 0.52
CA LYS B 245 14.73 -20.43 -0.24
C LYS B 245 13.27 -20.57 -0.68
N PRO B 246 12.89 -19.82 -1.72
CA PRO B 246 11.48 -19.74 -2.15
C PRO B 246 10.88 -21.05 -2.65
N GLN B 247 11.63 -21.84 -3.42
CA GLN B 247 11.10 -23.09 -3.96
C GLN B 247 10.74 -24.09 -2.85
N ALA B 248 11.62 -24.21 -1.85
CA ALA B 248 11.33 -25.07 -0.70
C ALA B 248 10.13 -24.55 0.07
N LEU B 249 10.06 -23.24 0.23
CA LEU B 249 8.95 -22.62 0.95
C LEU B 249 7.64 -22.89 0.22
N LEU B 250 7.63 -22.65 -1.08
CA LEU B 250 6.41 -22.83 -1.87
C LEU B 250 5.92 -24.27 -1.84
N GLN B 251 6.87 -25.22 -1.83
CA GLN B 251 6.49 -26.62 -1.73
C GLN B 251 5.83 -26.88 -0.38
N TRP B 252 6.44 -26.35 0.68
CA TRP B 252 5.90 -26.52 2.02
C TRP B 252 4.53 -25.86 2.13
N VAL B 253 4.40 -24.67 1.56
CA VAL B 253 3.13 -23.95 1.57
C VAL B 253 2.05 -24.75 0.85
N ASP B 254 2.39 -25.31 -0.32
CA ASP B 254 1.43 -26.09 -1.09
C ASP B 254 0.94 -27.30 -0.30
N GLU B 255 1.80 -27.85 0.53
CA GLU B 255 1.46 -29.04 1.31
C GLU B 255 0.66 -28.72 2.57
N HIS B 256 0.92 -27.56 3.17
CA HIS B 256 0.41 -27.25 4.51
C HIS B 256 -0.63 -26.13 4.55
N ALA B 257 -0.89 -25.49 3.41
CA ALA B 257 -1.91 -24.45 3.35
C ALA B 257 -3.27 -24.99 3.73
N ARG B 258 -4.02 -24.23 4.53
CA ARG B 258 -5.38 -24.59 4.90
C ARG B 258 -6.29 -23.37 4.74
N PRO B 259 -7.59 -23.61 4.49
CA PRO B 259 -8.51 -22.48 4.35
C PRO B 259 -8.59 -21.61 5.60
N PHE B 260 -8.59 -20.29 5.40
CA PHE B 260 -8.70 -19.34 6.49
C PHE B 260 -10.00 -19.56 7.27
N SER B 261 -11.00 -20.12 6.60
CA SER B 261 -12.30 -20.36 7.21
C SER B 261 -12.24 -21.44 8.31
N THR B 262 -11.13 -22.14 8.39
CA THR B 262 -10.93 -23.17 9.42
C THR B 262 -10.29 -22.59 10.68
N VAL B 263 -9.89 -21.33 10.62
CA VAL B 263 -9.25 -20.66 11.75
C VAL B 263 -10.28 -20.26 12.80
N LYS B 264 -10.08 -20.72 14.03
CA LYS B 264 -10.98 -20.38 15.13
C LYS B 264 -10.73 -18.95 15.59
N PRO B 265 -11.80 -18.22 15.95
CA PRO B 265 -11.60 -16.83 16.41
C PRO B 265 -10.74 -16.75 17.67
N MET B 266 -9.99 -15.67 17.84
CA MET B 266 -9.19 -15.49 19.04
C MET B 266 -10.09 -15.44 20.27
N TYR B 267 -11.15 -14.64 20.17
CA TYR B 267 -12.16 -14.57 21.23
C TYR B 267 -13.55 -14.36 20.62
N GLY B 268 -14.60 -14.61 21.41
CA GLY B 268 -15.93 -14.86 20.86
C GLY B 268 -16.99 -13.78 20.95
N THR B 269 -16.80 -12.80 21.84
CA THR B 269 -17.79 -11.75 22.11
C THR B 269 -19.26 -12.22 22.09
N PRO B 270 -19.59 -13.19 22.96
CA PRO B 270 -20.98 -13.68 23.03
C PRO B 270 -21.99 -12.58 23.33
#